data_1YDP
#
_entry.id   1YDP
#
_cell.length_a   77.150
_cell.length_b   77.150
_cell.length_c   151.720
_cell.angle_alpha   90.00
_cell.angle_beta   90.00
_cell.angle_gamma   120.00
#
_symmetry.space_group_name_H-M   'P 32 2 1'
#
loop_
_entity.id
_entity.type
_entity.pdbx_description
1 polymer 'MHC class I antigen'
2 polymer Beta-2-microglobulin
3 polymer 'histone 2a peptide'
4 non-polymer 'COBALT (II) ION'
5 non-polymer 'CHLORIDE ION'
6 water water
#
loop_
_entity_poly.entity_id
_entity_poly.type
_entity_poly.pdbx_seq_one_letter_code
_entity_poly.pdbx_strand_id
1 'polypeptide(L)'
;SHSMRYFSAAVSRPGRGEPRFIAMGYVDDTQFVRFDSDSASPRMEPRAPWVEQEGPEYWEEETRNTKAHAQTDRMNLQTL
RGYYNQSEASSHTLQWMIGCDLGSDGRLIRGYERYAYDGKDYLALNEDLRSWTAADTAAQISKRKCEAANVAEQRRAYLE
GTCVEWLHRYLENGKEMLQRADPPKTHVTHHPVFDYEATLRCWALGFYPAEIILTWQRDGEDQTQDVELVETRPAGDGTF
QKWAAVVVPSGEEQRYTCHVQHEGLPEPLMLRWKQ
;
A
2 'polypeptide(L)'
;MIQRTPKIQVYSRHPAENGKSNFLNCYVSGFHPSDIEVDLLKNGERIEKVEHSDLSFSKDWSFYLLYYTEFTPTEKDEYA
CRVNHVTLSQPKIVKWDRDM
;
B
3 'polypeptide(L)' RIIPRHLQL P
#
loop_
_chem_comp.id
_chem_comp.type
_chem_comp.name
_chem_comp.formula
CL non-polymer 'CHLORIDE ION' 'Cl -1'
CO non-polymer 'COBALT (II) ION' 'Co 2'
#
# COMPACT_ATOMS: atom_id res chain seq x y z
N SER A 1 -15.31 -6.36 -8.73
CA SER A 1 -14.65 -7.17 -7.66
C SER A 1 -14.30 -6.26 -6.47
N HIS A 2 -14.58 -6.73 -5.25
CA HIS A 2 -14.32 -5.93 -4.07
C HIS A 2 -13.81 -6.74 -2.90
N SER A 3 -13.16 -6.08 -1.94
CA SER A 3 -12.64 -6.78 -0.80
C SER A 3 -12.48 -5.87 0.41
N MET A 4 -12.47 -6.47 1.58
CA MET A 4 -12.27 -5.71 2.80
C MET A 4 -11.09 -6.40 3.47
N ARG A 5 -10.21 -5.60 4.05
CA ARG A 5 -9.02 -6.11 4.76
C ARG A 5 -8.74 -5.35 6.01
N TYR A 6 -8.21 -6.07 6.97
CA TYR A 6 -7.76 -5.39 8.18
C TYR A 6 -6.31 -5.81 8.32
N PHE A 7 -5.45 -4.86 8.66
CA PHE A 7 -4.04 -5.17 8.82
C PHE A 7 -3.61 -4.66 10.18
N SER A 8 -2.53 -5.21 10.71
CA SER A 8 -2.01 -4.73 11.98
C SER A 8 -0.52 -4.93 11.97
N ALA A 9 0.16 -4.12 12.78
CA ALA A 9 1.61 -4.21 12.91
C ALA A 9 1.94 -3.89 14.36
N ALA A 10 2.67 -4.81 14.99
CA ALA A 10 3.11 -4.63 16.36
C ALA A 10 4.63 -4.53 16.23
N VAL A 11 5.20 -3.43 16.72
CA VAL A 11 6.64 -3.22 16.61
C VAL A 11 7.28 -2.91 17.96
N SER A 12 8.10 -3.85 18.45
CA SER A 12 8.76 -3.64 19.73
C SER A 12 9.92 -2.67 19.54
N ARG A 13 10.28 -1.99 20.62
CA ARG A 13 11.34 -1.01 20.61
C ARG A 13 11.89 -0.94 22.03
N PRO A 14 12.58 -1.99 22.47
CA PRO A 14 13.14 -2.04 23.82
C PRO A 14 13.90 -0.76 24.13
N GLY A 15 13.59 -0.16 25.27
CA GLY A 15 14.27 1.06 25.66
C GLY A 15 13.57 2.32 25.19
N ARG A 16 12.57 2.16 24.31
CA ARG A 16 11.83 3.30 23.80
C ARG A 16 10.35 3.16 24.12
N GLY A 17 10.03 2.32 25.09
CA GLY A 17 8.64 2.13 25.47
C GLY A 17 8.02 0.80 25.08
N GLU A 18 6.71 0.70 25.30
CA GLU A 18 5.94 -0.50 24.98
C GLU A 18 5.83 -0.65 23.46
N PRO A 19 5.64 -1.89 22.96
CA PRO A 19 5.55 -2.04 21.50
C PRO A 19 4.41 -1.22 20.91
N ARG A 20 4.68 -0.57 19.79
CA ARG A 20 3.65 0.22 19.14
C ARG A 20 2.73 -0.72 18.38
N PHE A 21 1.44 -0.45 18.41
CA PHE A 21 0.48 -1.28 17.69
C PHE A 21 -0.38 -0.40 16.82
N ILE A 22 -0.42 -0.69 15.53
CA ILE A 22 -1.27 0.05 14.61
C ILE A 22 -2.17 -0.98 13.93
N ALA A 23 -3.42 -0.59 13.68
CA ALA A 23 -4.38 -1.47 13.02
C ALA A 23 -5.14 -0.58 12.04
N MET A 24 -5.52 -1.13 10.90
CA MET A 24 -6.23 -0.37 9.90
C MET A 24 -7.14 -1.22 9.03
N GLY A 25 -8.29 -0.68 8.60
CA GLY A 25 -9.21 -1.45 7.79
C GLY A 25 -9.36 -0.87 6.41
N TYR A 26 -9.21 -1.72 5.40
CA TYR A 26 -9.40 -1.19 4.07
C TYR A 26 -10.52 -1.82 3.30
N VAL A 27 -11.14 -0.99 2.47
CA VAL A 27 -12.15 -1.48 1.54
C VAL A 27 -11.47 -1.34 0.17
N ASP A 28 -11.06 -2.43 -0.51
CA ASP A 28 -10.30 -2.23 -1.75
C ASP A 28 -9.04 -1.43 -1.42
N ASP A 29 -8.74 -0.35 -2.13
CA ASP A 29 -7.55 0.43 -1.81
C ASP A 29 -7.78 1.63 -0.89
N THR A 30 -9.00 1.76 -0.38
CA THR A 30 -9.34 2.90 0.47
C THR A 30 -9.32 2.58 1.96
N GLN A 31 -8.46 3.27 2.70
CA GLN A 31 -8.39 3.08 4.14
C GLN A 31 -9.62 3.76 4.74
N PHE A 32 -10.34 3.10 5.63
CA PHE A 32 -11.52 3.75 6.22
C PHE A 32 -11.45 3.83 7.74
N VAL A 33 -10.54 3.08 8.35
CA VAL A 33 -10.41 3.12 9.80
C VAL A 33 -8.96 2.91 10.22
N ARG A 34 -8.55 3.58 11.30
CA ARG A 34 -7.18 3.50 11.77
C ARG A 34 -7.04 3.60 13.29
N PHE A 35 -6.19 2.74 13.87
CA PHE A 35 -5.92 2.75 15.30
C PHE A 35 -4.41 2.82 15.46
N ASP A 36 -3.93 3.64 16.39
CA ASP A 36 -2.49 3.79 16.64
C ASP A 36 -2.25 3.95 18.14
N SER A 37 -1.50 3.02 18.73
CA SER A 37 -1.23 3.09 20.16
C SER A 37 -0.40 4.31 20.55
N ASP A 38 0.24 4.94 19.57
CA ASP A 38 1.04 6.14 19.88
C ASP A 38 0.21 7.42 19.90
N SER A 39 -1.08 7.30 19.64
CA SER A 39 -1.97 8.45 19.66
C SER A 39 -2.16 8.90 21.10
N ALA A 40 -2.45 10.17 21.32
CA ALA A 40 -2.65 10.67 22.67
C ALA A 40 -3.71 9.81 23.34
N SER A 41 -4.78 9.52 22.61
CA SER A 41 -5.87 8.70 23.12
C SER A 41 -6.22 7.64 22.09
N PRO A 42 -5.52 6.48 22.14
CA PRO A 42 -5.75 5.37 21.22
C PRO A 42 -7.21 4.98 21.06
N ARG A 43 -7.63 4.82 19.80
CA ARG A 43 -8.99 4.43 19.49
C ARG A 43 -9.11 4.24 17.99
N MET A 44 -10.12 3.51 17.56
CA MET A 44 -10.32 3.29 16.15
C MET A 44 -10.93 4.60 15.63
N GLU A 45 -10.30 5.18 14.60
CA GLU A 45 -10.77 6.44 14.04
C GLU A 45 -11.14 6.31 12.57
N PRO A 46 -12.07 7.16 12.10
CA PRO A 46 -12.49 7.11 10.70
C PRO A 46 -11.39 7.69 9.80
N ARG A 47 -11.33 7.20 8.56
CA ARG A 47 -10.34 7.67 7.59
C ARG A 47 -11.03 7.92 6.26
N ALA A 48 -12.33 7.65 6.21
CA ALA A 48 -13.15 7.86 5.02
C ALA A 48 -14.46 8.45 5.51
N PRO A 49 -15.07 9.35 4.73
CA PRO A 49 -16.33 9.97 5.14
C PRO A 49 -17.49 8.99 5.35
N TRP A 50 -17.58 7.99 4.48
CA TRP A 50 -18.68 7.02 4.54
C TRP A 50 -18.72 6.08 5.75
N VAL A 51 -17.79 6.20 6.68
CA VAL A 51 -17.83 5.35 7.86
C VAL A 51 -18.13 6.22 9.07
N GLU A 52 -18.09 7.54 8.86
CA GLU A 52 -18.34 8.49 9.92
C GLU A 52 -19.79 8.49 10.38
N GLN A 53 -20.67 7.91 9.57
CA GLN A 53 -22.08 7.85 9.92
C GLN A 53 -22.38 6.73 10.91
N GLU A 54 -21.42 5.84 11.13
CA GLU A 54 -21.63 4.76 12.08
C GLU A 54 -21.80 5.42 13.45
N GLY A 55 -22.76 4.96 14.22
CA GLY A 55 -23.04 5.53 15.53
C GLY A 55 -21.99 5.27 16.59
N PRO A 56 -22.16 5.83 17.79
CA PRO A 56 -21.20 5.63 18.88
C PRO A 56 -21.02 4.18 19.32
N GLU A 57 -22.06 3.36 19.19
CA GLU A 57 -21.96 1.95 19.59
C GLU A 57 -20.90 1.23 18.74
N TYR A 58 -20.87 1.56 17.46
CA TYR A 58 -19.93 0.96 16.52
C TYR A 58 -18.49 1.31 16.91
N TRP A 59 -18.21 2.61 17.05
CA TRP A 59 -16.87 3.05 17.40
C TRP A 59 -16.45 2.53 18.76
N GLU A 60 -17.39 2.48 19.69
CA GLU A 60 -17.09 1.98 21.02
C GLU A 60 -16.70 0.51 20.92
N GLU A 61 -17.41 -0.24 20.09
CA GLU A 61 -17.12 -1.67 19.93
C GLU A 61 -15.82 -1.91 19.14
N GLU A 62 -15.59 -1.12 18.10
CA GLU A 62 -14.38 -1.28 17.30
C GLU A 62 -13.14 -0.95 18.14
N THR A 63 -13.20 0.16 18.87
CA THR A 63 -12.10 0.59 19.69
C THR A 63 -11.79 -0.41 20.80
N ARG A 64 -12.84 -0.95 21.43
CA ARG A 64 -12.65 -1.92 22.50
C ARG A 64 -11.98 -3.18 21.99
N ASN A 65 -12.48 -3.73 20.88
CA ASN A 65 -11.90 -4.93 20.32
C ASN A 65 -10.47 -4.71 19.86
N THR A 66 -10.21 -3.57 19.24
CA THR A 66 -8.89 -3.26 18.73
C THR A 66 -7.89 -3.07 19.86
N LYS A 67 -8.34 -2.54 20.99
CA LYS A 67 -7.44 -2.37 22.13
C LYS A 67 -7.08 -3.76 22.62
N ALA A 68 -8.03 -4.68 22.52
CA ALA A 68 -7.79 -6.07 22.93
C ALA A 68 -6.79 -6.73 22.00
N HIS A 69 -6.94 -6.48 20.69
CA HIS A 69 -6.00 -7.02 19.71
C HIS A 69 -4.59 -6.57 20.07
N ALA A 70 -4.45 -5.28 20.38
CA ALA A 70 -3.15 -4.72 20.72
C ALA A 70 -2.50 -5.45 21.90
N GLN A 71 -3.29 -5.75 22.92
CA GLN A 71 -2.76 -6.44 24.08
C GLN A 71 -2.36 -7.87 23.74
N THR A 72 -3.17 -8.54 22.93
CA THR A 72 -2.88 -9.91 22.51
C THR A 72 -1.62 -9.93 21.66
N ASP A 73 -1.47 -8.92 20.80
CA ASP A 73 -0.31 -8.86 19.93
C ASP A 73 0.97 -8.49 20.65
N ARG A 74 0.86 -7.68 21.70
CA ARG A 74 2.06 -7.34 22.46
C ARG A 74 2.52 -8.63 23.13
N MET A 75 1.56 -9.44 23.53
CA MET A 75 1.89 -10.72 24.15
C MET A 75 2.49 -11.64 23.07
N ASN A 76 1.98 -11.57 21.84
CA ASN A 76 2.49 -12.41 20.77
C ASN A 76 3.97 -12.10 20.50
N LEU A 77 4.24 -10.76 20.48
CA LEU A 77 5.56 -10.36 20.22
C LEU A 77 6.32 -11.06 21.20
N GLN A 78 5.79 -11.21 22.36
CA GLN A 78 6.85 -11.72 23.19
C GLN A 78 6.85 -13.19 23.29
N THR A 79 5.70 -13.83 23.03
CA THR A 79 5.88 -15.34 22.76
C THR A 79 6.82 -15.76 21.64
N LEU A 80 6.80 -15.01 20.53
CA LEU A 80 7.67 -15.33 19.40
C LEU A 80 9.13 -15.08 19.76
N ARG A 81 9.39 -14.02 20.51
CA ARG A 81 10.76 -13.71 20.91
C ARG A 81 11.29 -14.95 21.63
N GLY A 82 10.42 -15.54 22.45
CA GLY A 82 10.80 -16.75 23.17
C GLY A 82 11.02 -17.90 22.22
N TYR A 83 10.10 -18.11 21.29
CA TYR A 83 10.23 -19.21 20.33
C TYR A 83 11.55 -19.20 19.58
N TYR A 84 12.01 -18.01 19.19
CA TYR A 84 13.25 -17.87 18.45
C TYR A 84 14.45 -17.56 19.35
N ASN A 85 14.22 -17.63 20.66
CA ASN A 85 15.25 -17.35 21.66
C ASN A 85 16.00 -16.07 21.31
N GLN A 86 15.26 -15.03 20.99
CA GLN A 86 15.84 -13.74 20.63
C GLN A 86 16.09 -12.87 21.85
N SER A 87 17.03 -11.95 21.70
CA SER A 87 17.41 -11.03 22.77
C SER A 87 16.28 -10.11 23.20
N GLU A 88 16.22 -9.82 24.50
CA GLU A 88 15.20 -8.92 25.02
C GLU A 88 15.51 -7.49 24.59
N ALA A 89 16.74 -7.24 24.15
CA ALA A 89 17.13 -5.90 23.72
C ALA A 89 16.86 -5.63 22.24
N SER A 90 16.50 -6.66 21.49
CA SER A 90 16.25 -6.52 20.06
C SER A 90 14.82 -6.14 19.70
N SER A 91 14.68 -5.45 18.58
CA SER A 91 13.37 -5.00 18.09
C SER A 91 12.84 -5.98 17.05
N HIS A 92 11.52 -6.20 17.06
CA HIS A 92 10.89 -7.14 16.13
C HIS A 92 9.56 -6.62 15.61
N THR A 93 9.13 -7.16 14.48
CA THR A 93 7.90 -6.73 13.84
C THR A 93 6.97 -7.91 13.60
N LEU A 94 5.72 -7.78 14.04
CA LEU A 94 4.71 -8.82 13.85
C LEU A 94 3.56 -8.20 13.06
N GLN A 95 3.32 -8.72 11.87
CA GLN A 95 2.27 -8.18 11.02
C GLN A 95 1.15 -9.18 10.81
N TRP A 96 -0.05 -8.65 10.62
CA TRP A 96 -1.24 -9.47 10.44
C TRP A 96 -2.10 -8.90 9.32
N MET A 97 -2.80 -9.79 8.63
CA MET A 97 -3.71 -9.41 7.58
C MET A 97 -4.86 -10.40 7.56
N ILE A 98 -6.08 -9.88 7.44
CA ILE A 98 -7.26 -10.74 7.38
C ILE A 98 -8.18 -10.06 6.38
N GLY A 99 -8.96 -10.83 5.63
CA GLY A 99 -9.84 -10.20 4.67
C GLY A 99 -10.69 -11.14 3.85
N CYS A 100 -11.71 -10.57 3.22
CA CYS A 100 -12.62 -11.34 2.39
C CYS A 100 -12.72 -10.71 1.02
N ASP A 101 -12.79 -11.55 -0.01
CA ASP A 101 -12.91 -11.08 -1.38
C ASP A 101 -14.31 -11.45 -1.84
N LEU A 102 -14.96 -10.53 -2.54
CA LEU A 102 -16.30 -10.75 -3.08
C LEU A 102 -16.17 -10.79 -4.60
N GLY A 103 -16.83 -11.74 -5.23
CA GLY A 103 -16.77 -11.83 -6.68
C GLY A 103 -17.63 -10.72 -7.30
N SER A 104 -17.81 -10.78 -8.62
CA SER A 104 -18.62 -9.76 -9.30
C SER A 104 -20.15 -9.94 -9.00
N ASP A 105 -20.57 -11.10 -8.47
CA ASP A 105 -21.97 -11.47 -8.11
C ASP A 105 -22.28 -11.02 -6.68
N GLY A 106 -21.20 -10.71 -5.99
CA GLY A 106 -21.30 -10.20 -4.62
C GLY A 106 -21.16 -11.29 -3.56
N ARG A 107 -20.87 -12.59 -3.88
CA ARG A 107 -20.67 -13.56 -2.78
C ARG A 107 -19.19 -13.89 -2.60
N LEU A 108 -18.90 -14.38 -1.38
CA LEU A 108 -17.51 -14.71 -1.02
C LEU A 108 -16.84 -15.57 -2.08
N ILE A 109 -15.64 -15.18 -2.57
CA ILE A 109 -14.88 -16.05 -3.47
C ILE A 109 -13.66 -16.58 -2.70
N ARG A 110 -13.17 -15.82 -1.73
CA ARG A 110 -12.04 -16.24 -0.92
C ARG A 110 -11.80 -15.41 0.33
N GLY A 111 -11.33 -16.06 1.37
CA GLY A 111 -10.96 -15.32 2.55
C GLY A 111 -9.56 -15.72 3.03
N TYR A 112 -8.96 -14.95 3.92
CA TYR A 112 -7.63 -15.30 4.49
C TYR A 112 -7.54 -14.93 5.89
N GLU A 113 -6.27 -14.92 6.18
CA GLU A 113 -5.70 -14.53 7.45
C GLU A 113 -4.30 -15.04 7.49
N ARG A 114 -3.35 -14.12 7.59
CA ARG A 114 -1.95 -14.52 7.67
C ARG A 114 -1.14 -13.64 8.59
N TYR A 115 0.00 -14.17 9.00
CA TYR A 115 0.90 -13.47 9.90
C TYR A 115 2.31 -13.51 9.36
N ALA A 116 3.08 -12.46 9.65
CA ALA A 116 4.47 -12.37 9.24
C ALA A 116 5.26 -11.86 10.44
N TYR A 117 6.46 -12.41 10.64
CA TYR A 117 7.30 -11.98 11.74
C TYR A 117 8.65 -11.55 11.16
N ASP A 118 9.05 -10.32 11.47
CA ASP A 118 10.29 -9.76 10.97
C ASP A 118 10.37 -9.87 9.45
N GLY A 119 9.27 -9.53 8.79
CA GLY A 119 9.21 -9.55 7.34
C GLY A 119 9.10 -10.91 6.66
N LYS A 120 8.98 -11.98 7.44
CA LYS A 120 8.90 -13.33 6.88
C LYS A 120 7.54 -13.97 7.15
N ASP A 121 6.99 -14.71 6.17
CA ASP A 121 5.71 -15.38 6.38
C ASP A 121 5.87 -16.23 7.64
N TYR A 122 4.85 -16.25 8.48
CA TYR A 122 4.93 -17.02 9.72
C TYR A 122 3.84 -18.07 9.77
N LEU A 123 2.58 -17.62 9.77
CA LEU A 123 1.46 -18.54 9.85
C LEU A 123 0.36 -18.04 8.94
N ALA A 124 -0.29 -18.96 8.23
CA ALA A 124 -1.38 -18.59 7.34
C ALA A 124 -2.52 -19.58 7.41
N LEU A 125 -3.74 -19.05 7.31
CA LEU A 125 -4.95 -19.86 7.29
C LEU A 125 -5.04 -20.31 5.84
N ASN A 126 -5.30 -21.60 5.61
CA ASN A 126 -5.40 -22.15 4.26
C ASN A 126 -6.71 -21.73 3.57
N GLU A 127 -6.73 -21.81 2.24
CA GLU A 127 -7.92 -21.44 1.48
C GLU A 127 -9.21 -22.08 1.97
N ASP A 128 -9.12 -23.31 2.47
CA ASP A 128 -10.31 -24.00 2.96
C ASP A 128 -10.81 -23.44 4.28
N LEU A 129 -10.07 -22.47 4.82
CA LEU A 129 -10.43 -21.81 6.08
C LEU A 129 -10.63 -22.81 7.22
N ARG A 130 -10.03 -23.99 7.11
CA ARG A 130 -10.18 -25.01 8.13
C ARG A 130 -8.86 -25.57 8.62
N SER A 131 -7.78 -25.19 7.95
CA SER A 131 -6.46 -25.67 8.30
C SER A 131 -5.43 -24.55 8.26
N TRP A 132 -4.22 -24.83 8.75
CA TRP A 132 -3.15 -23.85 8.78
C TRP A 132 -1.85 -24.30 8.14
N THR A 133 -1.02 -23.33 7.74
CA THR A 133 0.28 -23.58 7.15
C THR A 133 1.33 -22.78 7.92
N ALA A 134 2.25 -23.49 8.57
CA ALA A 134 3.32 -22.86 9.36
C ALA A 134 4.56 -22.73 8.48
N ALA A 135 5.22 -21.58 8.55
CA ALA A 135 6.40 -21.33 7.75
C ALA A 135 7.69 -21.95 8.27
N ASP A 136 7.74 -22.22 9.58
CA ASP A 136 8.93 -22.83 10.17
C ASP A 136 8.62 -23.60 11.44
N THR A 137 9.62 -24.06 12.16
CA THR A 137 9.42 -24.83 13.37
C THR A 137 8.91 -23.96 14.49
N ALA A 138 9.06 -22.74 14.58
CA ALA A 138 8.44 -21.91 15.61
C ALA A 138 6.94 -21.81 15.32
N ALA A 139 6.62 -21.43 14.08
CA ALA A 139 5.23 -21.28 13.66
C ALA A 139 4.44 -22.57 13.86
N GLN A 140 5.13 -23.71 13.82
CA GLN A 140 4.44 -24.98 14.02
C GLN A 140 3.87 -25.03 15.43
N ILE A 141 4.48 -24.32 16.37
CA ILE A 141 3.95 -24.31 17.73
C ILE A 141 2.63 -23.54 17.70
N SER A 142 2.62 -22.43 16.98
CA SER A 142 1.41 -21.63 16.87
C SER A 142 0.36 -22.44 16.13
N LYS A 143 0.78 -23.14 15.09
CA LYS A 143 -0.16 -23.95 14.31
C LYS A 143 -0.81 -25.01 15.21
N ARG A 144 0.00 -25.75 15.95
CA ARG A 144 -0.54 -26.77 16.84
C ARG A 144 -1.49 -26.13 17.86
N LYS A 145 -1.13 -24.94 18.32
CA LYS A 145 -1.95 -24.21 19.30
C LYS A 145 -3.33 -23.88 18.71
N CYS A 146 -3.33 -23.34 17.49
CA CYS A 146 -4.57 -22.98 16.82
C CYS A 146 -5.44 -24.21 16.58
N GLU A 147 -4.81 -25.29 16.11
CA GLU A 147 -5.53 -26.53 15.84
C GLU A 147 -6.17 -27.11 17.09
N ALA A 148 -5.45 -27.08 18.20
CA ALA A 148 -5.95 -27.62 19.45
C ALA A 148 -7.13 -26.82 20.00
N ALA A 149 -7.20 -25.55 19.64
CA ALA A 149 -8.29 -24.70 20.10
C ALA A 149 -9.44 -24.63 19.09
N ASN A 150 -9.24 -25.21 17.91
CA ASN A 150 -10.26 -25.19 16.87
C ASN A 150 -10.62 -23.74 16.53
N VAL A 151 -9.64 -22.85 16.58
CA VAL A 151 -9.88 -21.44 16.31
C VAL A 151 -10.27 -21.14 14.88
N ALA A 152 -9.81 -21.94 13.93
CA ALA A 152 -10.15 -21.74 12.53
C ALA A 152 -11.67 -21.61 12.36
N GLU A 153 -12.43 -22.32 13.19
CA GLU A 153 -13.88 -22.28 13.12
C GLU A 153 -14.39 -20.85 13.30
N GLN A 154 -13.81 -20.15 14.27
CA GLN A 154 -14.19 -18.78 14.57
C GLN A 154 -13.72 -17.77 13.51
N ARG A 155 -12.56 -18.04 12.92
CA ARG A 155 -12.03 -17.14 11.90
C ARG A 155 -12.91 -17.29 10.65
N ARG A 156 -13.27 -18.53 10.33
CA ARG A 156 -14.11 -18.82 9.18
C ARG A 156 -15.49 -18.15 9.35
N ALA A 157 -16.01 -18.19 10.57
CA ALA A 157 -17.31 -17.59 10.85
C ALA A 157 -17.29 -16.09 10.53
N TYR A 158 -16.20 -15.42 10.89
CA TYR A 158 -16.05 -14.00 10.62
C TYR A 158 -15.95 -13.75 9.10
N LEU A 159 -15.06 -14.49 8.45
CA LEU A 159 -14.84 -14.33 7.02
C LEU A 159 -16.08 -14.62 6.17
N GLU A 160 -16.86 -15.61 6.55
CA GLU A 160 -18.06 -15.97 5.79
C GLU A 160 -19.28 -15.14 6.19
N GLY A 161 -19.31 -14.68 7.43
CA GLY A 161 -20.45 -13.89 7.87
C GLY A 161 -20.19 -12.40 7.94
N THR A 162 -19.70 -11.96 9.10
CA THR A 162 -19.40 -10.56 9.36
C THR A 162 -18.61 -9.81 8.28
N CYS A 163 -17.52 -10.42 7.82
CA CYS A 163 -16.69 -9.75 6.82
C CYS A 163 -17.49 -9.42 5.57
N VAL A 164 -18.17 -10.42 5.02
CA VAL A 164 -18.96 -10.21 3.80
C VAL A 164 -20.08 -9.21 4.04
N GLU A 165 -20.82 -9.41 5.13
CA GLU A 165 -21.93 -8.52 5.45
C GLU A 165 -21.51 -7.06 5.57
N TRP A 166 -20.47 -6.78 6.35
CA TRP A 166 -20.03 -5.39 6.50
C TRP A 166 -19.39 -4.82 5.24
N LEU A 167 -18.75 -5.67 4.44
CA LEU A 167 -18.17 -5.17 3.20
C LEU A 167 -19.34 -4.65 2.36
N HIS A 168 -20.41 -5.44 2.30
CA HIS A 168 -21.61 -5.04 1.54
C HIS A 168 -22.17 -3.71 2.05
N ARG A 169 -22.15 -3.53 3.36
CA ARG A 169 -22.64 -2.30 3.96
C ARG A 169 -21.77 -1.10 3.61
N TYR A 170 -20.45 -1.26 3.73
CA TYR A 170 -19.55 -0.16 3.43
C TYR A 170 -19.62 0.20 1.95
N LEU A 171 -19.75 -0.82 1.10
CA LEU A 171 -19.84 -0.60 -0.33
C LEU A 171 -21.06 0.26 -0.66
N GLU A 172 -22.17 0.04 0.05
CA GLU A 172 -23.38 0.83 -0.18
C GLU A 172 -23.24 2.24 0.38
N ASN A 173 -22.72 2.34 1.61
CA ASN A 173 -22.57 3.66 2.22
C ASN A 173 -21.56 4.55 1.51
N GLY A 174 -20.48 3.97 1.03
CA GLY A 174 -19.48 4.76 0.32
C GLY A 174 -19.52 4.48 -1.17
N LYS A 175 -20.75 3.97 -1.64
CA LYS A 175 -20.97 3.79 -3.07
C LYS A 175 -20.34 4.93 -3.86
N GLU A 176 -20.42 6.06 -3.81
CA GLU A 176 -19.85 7.05 -4.72
C GLU A 176 -18.34 7.04 -4.79
N MET A 177 -17.70 6.72 -3.68
CA MET A 177 -16.24 6.68 -3.63
C MET A 177 -15.69 5.29 -3.95
N LEU A 178 -16.39 4.26 -3.48
CA LEU A 178 -15.94 2.87 -3.66
C LEU A 178 -16.36 2.13 -4.93
N GLN A 179 -17.61 2.30 -5.34
CA GLN A 179 -18.09 1.61 -6.54
C GLN A 179 -18.03 2.51 -7.74
N ARG A 180 -16.92 3.22 -7.85
CA ARG A 180 -16.69 4.15 -8.94
C ARG A 180 -15.53 3.59 -9.76
N ALA A 181 -15.50 3.91 -11.04
CA ALA A 181 -14.43 3.44 -11.91
C ALA A 181 -13.91 4.59 -12.73
N ASP A 182 -12.90 5.54 -11.89
CA ASP A 182 -12.42 6.50 -12.84
C ASP A 182 -11.56 5.86 -13.90
N PRO A 183 -11.69 6.20 -15.16
CA PRO A 183 -10.74 5.77 -16.18
C PRO A 183 -9.51 6.69 -16.14
N PRO A 184 -8.33 6.15 -16.44
CA PRO A 184 -7.13 6.98 -16.42
C PRO A 184 -7.05 7.96 -17.59
N LYS A 185 -6.49 9.14 -17.33
CA LYS A 185 -6.30 10.13 -18.38
C LYS A 185 -4.97 9.66 -18.99
N THR A 186 -4.95 9.42 -20.30
CA THR A 186 -3.74 8.93 -20.94
C THR A 186 -3.13 9.83 -22.02
N HIS A 187 -1.81 9.75 -22.14
CA HIS A 187 -1.07 10.52 -23.14
C HIS A 187 0.36 10.04 -23.20
N VAL A 188 0.99 10.23 -24.37
CA VAL A 188 2.37 9.80 -24.56
C VAL A 188 3.28 11.00 -24.75
N THR A 189 4.51 10.92 -24.11
CA THR A 189 5.35 12.10 -24.14
C THR A 189 6.56 11.88 -25.02
N HIS A 190 7.16 12.59 -25.67
CA HIS A 190 8.29 12.28 -26.53
C HIS A 190 9.54 12.95 -25.98
N HIS A 191 10.62 12.18 -25.82
CA HIS A 191 11.87 12.72 -25.30
C HIS A 191 13.04 12.31 -26.19
N PRO A 192 13.37 13.14 -27.19
CA PRO A 192 14.46 12.91 -28.13
C PRO A 192 15.88 12.82 -27.57
N VAL A 193 16.81 12.38 -28.44
CA VAL A 193 18.27 12.23 -28.15
C VAL A 193 18.86 12.42 -29.48
N PHE A 194 20.07 12.96 -29.60
CA PHE A 194 19.89 13.65 -30.90
C PHE A 194 19.41 12.94 -32.21
N ASP A 195 20.15 12.33 -33.11
CA ASP A 195 19.45 11.94 -34.36
C ASP A 195 18.80 10.53 -34.39
N TYR A 196 19.39 9.69 -33.51
CA TYR A 196 19.18 8.23 -33.30
C TYR A 196 18.05 7.75 -32.43
N GLU A 197 17.87 8.29 -31.22
CA GLU A 197 16.79 7.67 -30.47
C GLU A 197 15.96 8.54 -29.56
N ALA A 198 14.72 8.09 -29.33
CA ALA A 198 13.78 8.84 -28.49
C ALA A 198 13.03 7.96 -27.51
N THR A 199 12.76 8.50 -26.32
CA THR A 199 12.02 7.77 -25.30
C THR A 199 10.55 8.12 -25.39
N LEU A 200 9.70 7.11 -25.48
CA LEU A 200 8.26 7.32 -25.53
C LEU A 200 7.76 6.89 -24.16
N ARG A 201 7.06 7.78 -23.46
CA ARG A 201 6.54 7.46 -22.14
C ARG A 201 5.03 7.54 -22.18
N CYS A 202 4.39 6.42 -21.84
CA CYS A 202 2.94 6.31 -21.83
C CYS A 202 2.46 6.53 -20.40
N TRP A 203 1.64 7.57 -20.21
CA TRP A 203 1.11 7.92 -18.90
C TRP A 203 -0.34 7.52 -18.66
N ALA A 204 -0.63 7.14 -17.43
CA ALA A 204 -1.96 6.78 -16.99
C ALA A 204 -2.13 7.58 -15.72
N LEU A 205 -3.08 8.52 -15.71
CA LEU A 205 -3.28 9.38 -14.55
C LEU A 205 -4.72 9.46 -14.02
N GLY A 206 -4.83 9.77 -12.74
CA GLY A 206 -6.12 9.92 -12.08
C GLY A 206 -7.09 8.75 -12.14
N PHE A 207 -6.59 7.52 -12.07
CA PHE A 207 -7.47 6.37 -12.11
C PHE A 207 -7.69 5.71 -10.75
N TYR A 208 -8.74 4.91 -10.66
CA TYR A 208 -9.08 4.19 -9.44
C TYR A 208 -9.99 3.03 -9.81
N PRO A 209 -9.74 1.83 -9.25
CA PRO A 209 -8.66 1.48 -8.32
C PRO A 209 -7.25 1.46 -8.93
N ALA A 210 -6.26 1.10 -8.11
CA ALA A 210 -4.86 1.06 -8.52
C ALA A 210 -4.53 0.02 -9.60
N GLU A 211 -5.35 -1.01 -9.72
CA GLU A 211 -5.13 -2.06 -10.72
C GLU A 211 -5.19 -1.52 -12.15
N ILE A 212 -4.11 -1.73 -12.89
CA ILE A 212 -4.04 -1.26 -14.27
C ILE A 212 -2.94 -1.99 -15.06
N ILE A 213 -3.12 -2.07 -16.38
CA ILE A 213 -2.15 -2.71 -17.25
C ILE A 213 -1.66 -1.75 -18.33
N LEU A 214 -0.35 -1.59 -18.43
CA LEU A 214 0.26 -0.72 -19.44
C LEU A 214 1.23 -1.56 -20.25
N THR A 215 1.12 -1.48 -21.57
CA THR A 215 2.01 -2.23 -22.46
C THR A 215 2.28 -1.48 -23.75
N TRP A 216 3.52 -1.57 -24.21
CA TRP A 216 3.93 -0.92 -25.46
C TRP A 216 3.94 -1.92 -26.60
N GLN A 217 3.34 -1.37 -27.93
CA GLN A 217 3.23 -2.19 -29.16
C GLN A 217 4.02 -1.49 -30.26
N ARG A 218 4.75 -2.28 -31.03
CA ARG A 218 5.48 -1.73 -32.22
C ARG A 218 4.88 -2.56 -33.36
N ASP A 219 4.04 -1.94 -34.17
CA ASP A 219 3.38 -2.66 -35.29
C ASP A 219 2.72 -3.94 -34.76
N GLY A 220 2.35 -3.77 -33.61
CA GLY A 220 1.43 -4.74 -33.04
C GLY A 220 2.16 -5.82 -32.27
N GLU A 221 3.25 -5.43 -31.58
CA GLU A 221 4.04 -6.37 -30.79
C GLU A 221 4.46 -5.80 -29.44
N ASP A 222 4.26 -6.59 -28.38
CA ASP A 222 4.63 -6.17 -27.03
C ASP A 222 6.15 -5.98 -26.96
N GLN A 223 6.60 -5.08 -26.10
CA GLN A 223 8.03 -4.78 -25.94
C GLN A 223 8.52 -5.04 -24.53
N THR A 224 7.63 -5.55 -23.68
CA THR A 224 7.91 -5.85 -22.28
C THR A 224 9.37 -5.91 -21.84
N GLN A 225 10.19 -6.63 -22.60
CA GLN A 225 11.60 -6.80 -22.28
C GLN A 225 12.42 -5.52 -22.09
N ASP A 226 12.16 -4.50 -22.91
CA ASP A 226 12.92 -3.24 -22.82
C ASP A 226 12.09 -2.08 -22.29
N VAL A 227 10.96 -2.39 -21.65
CA VAL A 227 10.08 -1.36 -21.13
C VAL A 227 10.30 -1.13 -19.64
N GLU A 228 10.57 0.11 -19.26
CA GLU A 228 10.74 0.44 -17.85
C GLU A 228 9.35 0.79 -17.33
N LEU A 229 8.88 0.08 -16.32
CA LEU A 229 7.55 0.30 -15.75
C LEU A 229 7.69 0.69 -14.28
N VAL A 230 7.19 1.86 -13.91
CA VAL A 230 7.28 2.28 -12.51
C VAL A 230 6.16 1.65 -11.71
N GLU A 231 6.40 1.51 -10.42
CA GLU A 231 5.41 0.95 -9.51
C GLU A 231 4.24 1.93 -9.45
N THR A 232 3.03 1.40 -9.51
CA THR A 232 1.85 2.26 -9.45
C THR A 232 1.99 3.08 -8.16
N ARG A 233 1.66 4.36 -8.24
CA ARG A 233 1.81 5.25 -7.09
C ARG A 233 0.55 6.08 -6.85
N PRO A 234 0.33 6.52 -5.60
CA PRO A 234 -0.85 7.33 -5.26
C PRO A 234 -0.63 8.80 -5.58
N ALA A 235 -1.60 9.41 -6.25
CA ALA A 235 -1.49 10.82 -6.60
C ALA A 235 -1.61 11.67 -5.34
N GLY A 236 -2.37 11.18 -4.37
CA GLY A 236 -2.55 11.91 -3.12
C GLY A 236 -3.97 12.41 -2.94
N ASP A 237 -4.78 12.29 -3.98
CA ASP A 237 -6.17 12.73 -3.93
C ASP A 237 -7.14 11.56 -4.07
N GLY A 238 -6.63 10.36 -3.84
CA GLY A 238 -7.49 9.19 -3.96
C GLY A 238 -7.38 8.47 -5.30
N THR A 239 -6.50 8.95 -6.19
CA THR A 239 -6.32 8.30 -7.48
C THR A 239 -4.89 7.80 -7.62
N PHE A 240 -4.65 6.96 -8.63
CA PHE A 240 -3.32 6.43 -8.83
C PHE A 240 -2.73 6.83 -10.18
N GLN A 241 -1.43 6.68 -10.31
CA GLN A 241 -0.71 7.01 -11.53
C GLN A 241 0.27 5.89 -11.84
N LYS A 242 0.72 5.85 -13.09
CA LYS A 242 1.68 4.86 -13.54
C LYS A 242 2.10 5.20 -14.96
N TRP A 243 3.37 4.95 -15.29
CA TRP A 243 3.84 5.19 -16.65
C TRP A 243 4.74 4.05 -17.10
N ALA A 244 4.83 3.88 -18.42
CA ALA A 244 5.63 2.85 -19.06
C ALA A 244 6.43 3.55 -20.15
N ALA A 245 7.76 3.38 -20.12
CA ALA A 245 8.62 4.01 -21.10
C ALA A 245 9.37 3.01 -21.97
N VAL A 246 9.66 3.42 -23.20
CA VAL A 246 10.36 2.57 -24.15
C VAL A 246 11.23 3.44 -25.04
N VAL A 247 12.49 3.05 -25.22
CA VAL A 247 13.41 3.81 -26.08
C VAL A 247 13.29 3.24 -27.48
N VAL A 248 12.96 4.09 -28.45
CA VAL A 248 12.77 3.66 -29.82
C VAL A 248 13.67 4.42 -30.79
N PRO A 249 13.89 3.86 -31.99
CA PRO A 249 14.74 4.52 -32.98
C PRO A 249 14.06 5.78 -33.51
N SER A 250 14.81 6.88 -33.56
CA SER A 250 14.25 8.14 -34.06
C SER A 250 13.66 7.97 -35.45
N GLY A 251 12.44 8.46 -35.62
CA GLY A 251 11.77 8.37 -36.91
C GLY A 251 10.78 7.24 -36.99
N GLU A 252 10.73 6.38 -35.97
CA GLU A 252 9.81 5.26 -35.98
C GLU A 252 8.83 5.30 -34.82
N GLU A 253 8.63 6.49 -34.27
CA GLU A 253 7.71 6.66 -33.15
C GLU A 253 6.31 6.14 -33.49
N GLN A 254 5.84 6.47 -34.68
CA GLN A 254 4.51 6.06 -35.13
C GLN A 254 4.28 4.56 -35.18
N ARG A 255 5.35 3.78 -35.07
CA ARG A 255 5.24 2.31 -35.11
C ARG A 255 4.88 1.76 -33.75
N TYR A 256 4.92 2.62 -32.73
CA TYR A 256 4.62 2.19 -31.38
C TYR A 256 3.26 2.62 -30.87
N THR A 257 2.58 1.69 -30.21
CA THR A 257 1.27 1.95 -29.66
C THR A 257 1.21 1.49 -28.22
N CYS A 258 0.63 2.31 -27.36
CA CYS A 258 0.52 1.97 -25.96
C CYS A 258 -0.85 1.33 -25.73
N HIS A 259 -0.87 0.29 -24.91
CA HIS A 259 -2.10 -0.41 -24.61
C HIS A 259 -2.43 -0.26 -23.12
N VAL A 260 -3.52 0.46 -22.83
CA VAL A 260 -3.94 0.69 -21.46
C VAL A 260 -5.26 -0.06 -21.15
N GLN A 261 -5.27 -0.78 -20.03
CA GLN A 261 -6.46 -1.53 -19.64
C GLN A 261 -6.86 -1.23 -18.20
N HIS A 262 -8.00 -0.56 -18.03
CA HIS A 262 -8.49 -0.22 -16.71
C HIS A 262 -10.00 -0.47 -16.62
N GLU A 263 -10.46 -0.88 -15.44
CA GLU A 263 -11.88 -1.18 -15.23
C GLU A 263 -12.77 -0.01 -15.65
N GLY A 264 -12.51 1.30 -15.28
CA GLY A 264 -13.28 2.48 -15.67
C GLY A 264 -13.33 2.58 -17.20
N LEU A 265 -12.50 1.83 -17.82
CA LEU A 265 -12.46 1.89 -19.30
C LEU A 265 -13.53 0.97 -19.86
N PRO A 266 -14.13 1.44 -20.95
CA PRO A 266 -15.20 0.65 -21.61
C PRO A 266 -14.60 -0.24 -22.69
N GLU A 267 -13.36 0.06 -23.04
CA GLU A 267 -12.66 -0.72 -24.08
C GLU A 267 -11.15 -0.45 -24.01
N PRO A 268 -10.41 -1.39 -23.94
CA PRO A 268 -8.99 -1.05 -23.86
C PRO A 268 -8.59 -0.05 -24.93
N LEU A 269 -7.96 1.05 -24.52
CA LEU A 269 -7.56 2.08 -25.48
C LEU A 269 -6.12 1.89 -25.98
N MET A 270 -5.84 2.49 -27.13
CA MET A 270 -4.54 2.40 -27.76
C MET A 270 -4.05 3.79 -28.12
N LEU A 271 -2.93 4.20 -27.54
CA LEU A 271 -2.38 5.52 -27.81
C LEU A 271 -1.18 5.45 -28.76
N ARG A 272 -0.90 6.56 -29.43
CA ARG A 272 0.21 6.67 -30.36
C ARG A 272 0.67 8.12 -30.33
N TRP A 273 1.95 8.34 -30.04
CA TRP A 273 2.50 9.69 -29.96
C TRP A 273 2.10 10.60 -31.12
N LYS A 274 1.80 11.85 -30.79
CA LYS A 274 1.41 12.84 -31.79
C LYS A 274 2.65 13.66 -32.15
N GLN A 275 2.97 13.75 -33.44
CA GLN A 275 4.14 14.49 -33.90
C GLN A 275 4.03 16.00 -33.71
N MET B 1 18.71 -11.10 9.19
CA MET B 1 17.24 -10.91 9.08
C MET B 1 16.82 -10.37 7.72
N ILE B 2 15.51 -10.28 7.51
CA ILE B 2 15.00 -9.73 6.27
C ILE B 2 15.27 -8.23 6.32
N GLN B 3 15.74 -7.69 5.21
CA GLN B 3 16.05 -6.27 5.10
C GLN B 3 15.68 -5.84 3.70
N ARG B 4 14.78 -4.88 3.60
CA ARG B 4 14.37 -4.39 2.30
C ARG B 4 14.56 -2.89 2.25
N THR B 5 15.40 -2.46 1.32
CA THR B 5 15.70 -1.05 1.16
C THR B 5 14.51 -0.36 0.48
N PRO B 6 14.21 0.88 0.86
CA PRO B 6 13.10 1.60 0.24
C PRO B 6 13.20 1.96 -1.23
N LYS B 7 12.09 1.79 -1.94
CA LYS B 7 11.99 2.15 -3.34
C LYS B 7 11.49 3.57 -3.24
N ILE B 8 11.99 4.46 -4.10
CA ILE B 8 11.59 5.86 -4.02
C ILE B 8 11.16 6.49 -5.33
N GLN B 9 10.05 7.23 -5.27
CA GLN B 9 9.54 7.94 -6.44
C GLN B 9 9.17 9.35 -5.98
N VAL B 10 9.55 10.36 -6.91
CA VAL B 10 9.36 11.73 -6.44
C VAL B 10 8.32 12.45 -7.31
N TYR B 11 7.40 12.70 -7.42
CA TYR B 11 6.57 13.20 -8.50
C TYR B 11 5.56 14.21 -7.98
N SER B 12 4.86 14.86 -8.90
CA SER B 12 3.85 15.84 -8.54
C SER B 12 2.47 15.24 -8.73
N ARG B 13 1.49 15.75 -7.99
CA ARG B 13 0.13 15.25 -8.09
C ARG B 13 -0.44 15.52 -9.47
N HIS B 14 -0.16 16.71 -10.00
CA HIS B 14 -0.64 17.10 -11.32
C HIS B 14 0.55 17.53 -12.18
N PRO B 15 0.39 17.50 -13.51
CA PRO B 15 1.46 17.88 -14.43
C PRO B 15 2.20 19.15 -13.99
N ALA B 16 3.53 19.11 -14.03
CA ALA B 16 4.34 20.25 -13.64
C ALA B 16 4.00 21.47 -14.47
N GLU B 17 3.54 22.78 -13.58
CA GLU B 17 3.72 23.89 -14.51
C GLU B 17 4.52 25.02 -13.86
N ASN B 18 5.28 25.48 -14.45
CA ASN B 18 5.90 26.63 -13.75
C ASN B 18 4.92 27.73 -13.37
N GLY B 19 4.91 28.14 -12.11
CA GLY B 19 3.94 29.16 -11.66
C GLY B 19 2.73 28.58 -10.88
N LYS B 20 2.25 27.39 -11.24
CA LYS B 20 1.10 26.86 -10.50
C LYS B 20 1.60 25.96 -9.34
N SER B 21 0.94 26.16 -8.27
CA SER B 21 1.14 25.43 -7.08
C SER B 21 0.44 24.14 -7.25
N ASN B 22 1.24 23.19 -6.94
CA ASN B 22 0.89 21.79 -7.08
C ASN B 22 1.25 21.02 -5.81
N PHE B 23 1.38 19.71 -5.94
CA PHE B 23 1.74 18.85 -4.81
C PHE B 23 2.97 18.00 -5.11
N LEU B 24 4.00 18.16 -4.29
CA LEU B 24 5.23 17.40 -4.44
C LEU B 24 5.14 16.13 -3.60
N ASN B 25 5.13 14.98 -4.26
CA ASN B 25 5.04 13.71 -3.56
C ASN B 25 6.33 12.91 -3.55
N CYS B 26 6.51 12.11 -2.51
CA CYS B 26 7.66 11.24 -2.40
C CYS B 26 7.15 9.92 -1.87
N TYR B 27 6.88 8.99 -2.77
CA TYR B 27 6.36 7.68 -2.41
C TYR B 27 7.49 6.73 -2.05
N VAL B 28 7.52 6.32 -0.78
CA VAL B 28 8.53 5.40 -0.27
C VAL B 28 7.84 4.08 0.03
N SER B 29 8.32 3.01 -0.60
CA SER B 29 7.70 1.70 -0.44
C SER B 29 8.68 0.54 -0.49
N GLY B 30 8.14 -0.66 -0.31
CA GLY B 30 8.94 -1.87 -0.36
C GLY B 30 10.02 -2.01 0.70
N PHE B 31 9.90 -1.28 1.81
CA PHE B 31 10.92 -1.37 2.83
C PHE B 31 10.55 -2.13 4.10
N HIS B 32 11.58 -2.58 4.80
CA HIS B 32 11.45 -3.31 6.05
C HIS B 32 12.83 -3.34 6.70
N PRO B 33 12.91 -3.09 8.01
CA PRO B 33 11.82 -2.79 8.95
C PRO B 33 11.12 -1.47 8.65
N SER B 34 10.11 -1.15 9.45
CA SER B 34 9.29 0.04 9.24
C SER B 34 9.86 1.42 9.56
N ASP B 35 10.93 1.48 10.35
CA ASP B 35 11.52 2.77 10.69
C ASP B 35 12.11 3.43 9.44
N ILE B 36 11.81 4.72 9.24
CA ILE B 36 12.34 5.42 8.08
C ILE B 36 12.27 6.94 8.23
N GLU B 37 13.25 7.63 7.65
CA GLU B 37 13.31 9.09 7.70
C GLU B 37 13.15 9.64 6.28
N VAL B 38 12.20 10.54 6.10
CA VAL B 38 11.95 11.14 4.79
C VAL B 38 11.74 12.65 4.84
N ASP B 39 12.53 13.37 4.06
CA ASP B 39 12.44 14.82 3.97
C ASP B 39 12.33 15.24 2.52
N LEU B 40 11.57 16.30 2.28
CA LEU B 40 11.41 16.84 0.93
C LEU B 40 12.28 18.09 0.92
N LEU B 41 13.21 18.17 -0.02
CA LEU B 41 14.12 19.30 -0.10
C LEU B 41 13.82 20.27 -1.24
N LYS B 42 14.01 21.56 -0.97
CA LYS B 42 13.80 22.62 -1.96
C LYS B 42 15.14 23.31 -2.18
N ASN B 43 15.74 23.06 -3.35
CA ASN B 43 17.04 23.65 -3.66
C ASN B 43 18.01 23.29 -2.55
N GLY B 44 17.87 22.08 -2.02
CA GLY B 44 18.74 21.61 -0.95
C GLY B 44 18.22 22.04 0.41
N GLU B 45 17.16 22.85 0.40
CA GLU B 45 16.56 23.36 1.61
C GLU B 45 15.43 22.47 2.12
N ARG B 46 15.65 21.84 3.27
CA ARG B 46 14.66 20.96 3.88
C ARG B 46 13.33 21.70 4.05
N ILE B 47 12.29 21.19 3.41
CA ILE B 47 10.97 21.80 3.47
C ILE B 47 10.24 21.44 4.76
N GLU B 48 9.69 22.45 5.42
CA GLU B 48 8.96 22.23 6.66
C GLU B 48 7.49 21.94 6.37
N LYS B 49 6.72 21.69 7.43
CA LYS B 49 5.30 21.40 7.33
C LYS B 49 4.94 20.33 6.30
N VAL B 50 5.84 19.38 6.08
CA VAL B 50 5.58 18.31 5.13
C VAL B 50 4.79 17.21 5.85
N GLU B 51 3.70 16.76 5.23
CA GLU B 51 2.87 15.73 5.82
C GLU B 51 3.11 14.38 5.17
N HIS B 52 2.53 13.33 5.76
CA HIS B 52 2.67 11.99 5.23
C HIS B 52 1.42 11.17 5.55
N SER B 53 1.09 10.24 4.68
CA SER B 53 -0.08 9.38 4.87
C SER B 53 0.20 8.42 6.02
N ASP B 54 -0.80 7.64 6.39
CA ASP B 54 -0.62 6.69 7.49
C ASP B 54 0.28 5.52 7.08
N LEU B 55 1.16 5.12 7.99
CA LEU B 55 2.07 4.00 7.74
C LEU B 55 1.24 2.76 7.47
N SER B 56 1.50 2.09 6.36
CA SER B 56 0.75 0.89 6.04
C SER B 56 1.71 -0.08 5.36
N PHE B 57 1.20 -1.21 4.91
CA PHE B 57 2.04 -2.18 4.25
C PHE B 57 1.29 -2.96 3.18
N SER B 58 2.06 -3.48 2.22
CA SER B 58 1.52 -4.22 1.10
C SER B 58 1.32 -5.70 1.39
N LYS B 59 0.80 -6.41 0.39
CA LYS B 59 0.54 -7.84 0.46
C LYS B 59 1.81 -8.64 0.73
N ASP B 60 2.95 -8.14 0.27
CA ASP B 60 4.20 -8.82 0.48
C ASP B 60 4.83 -8.44 1.83
N TRP B 61 4.05 -7.71 2.64
CA TRP B 61 4.46 -7.28 3.98
C TRP B 61 5.33 -6.03 4.03
N SER B 62 5.88 -5.61 2.90
CA SER B 62 6.73 -4.43 2.91
C SER B 62 5.90 -3.19 3.22
N PHE B 63 6.52 -2.24 3.91
CA PHE B 63 5.87 -1.00 4.30
C PHE B 63 5.93 0.09 3.24
N TYR B 64 4.98 1.02 3.29
CA TYR B 64 4.96 2.14 2.37
C TYR B 64 4.32 3.37 3.01
N LEU B 65 4.80 4.53 2.58
CA LEU B 65 4.35 5.85 3.06
C LEU B 65 4.36 6.84 1.89
N LEU B 66 3.54 7.88 2.02
CA LEU B 66 3.50 8.92 1.01
C LEU B 66 3.71 10.25 1.70
N TYR B 67 4.84 10.89 1.40
CA TYR B 67 5.14 12.19 1.97
C TYR B 67 4.76 13.22 0.91
N TYR B 68 4.15 14.32 1.36
CA TYR B 68 3.74 15.35 0.43
C TYR B 68 3.70 16.74 1.05
N THR B 69 3.50 17.74 0.19
CA THR B 69 3.42 19.14 0.61
C THR B 69 3.12 19.99 -0.63
N GLU B 70 2.36 21.06 -0.45
CA GLU B 70 2.03 21.94 -1.56
C GLU B 70 3.30 22.65 -1.99
N PHE B 71 3.41 22.96 -3.28
CA PHE B 71 4.59 23.66 -3.77
C PHE B 71 4.30 24.33 -5.11
N THR B 72 5.20 25.17 -5.55
CA THR B 72 5.13 25.81 -6.86
C THR B 72 6.39 25.54 -7.66
N PRO B 73 6.23 24.84 -8.80
CA PRO B 73 7.34 24.52 -9.71
C PRO B 73 7.99 25.78 -10.30
N THR B 74 9.27 25.65 -10.65
CA THR B 74 10.03 26.75 -11.24
C THR B 74 11.17 26.18 -12.08
N GLU B 75 11.55 26.92 -13.12
CA GLU B 75 12.63 26.49 -14.00
C GLU B 75 13.95 26.38 -13.24
N LYS B 76 14.09 27.15 -12.17
CA LYS B 76 15.31 27.14 -11.36
C LYS B 76 15.21 26.34 -10.07
N ASP B 77 14.00 26.25 -9.52
CA ASP B 77 13.78 25.53 -8.27
C ASP B 77 13.87 24.01 -8.43
N GLU B 78 14.88 23.43 -7.79
CA GLU B 78 15.11 21.99 -7.82
C GLU B 78 14.53 21.32 -6.58
N TYR B 79 13.65 20.34 -6.79
CA TYR B 79 13.02 19.63 -5.68
C TYR B 79 13.49 18.18 -5.64
N ALA B 80 13.71 17.67 -4.43
CA ALA B 80 14.17 16.29 -4.24
C ALA B 80 13.63 15.67 -2.95
N CYS B 81 13.91 14.38 -2.77
CA CYS B 81 13.46 13.65 -1.59
C CYS B 81 14.64 12.94 -0.94
N ARG B 82 14.85 13.19 0.35
CA ARG B 82 15.95 12.56 1.08
C ARG B 82 15.40 11.43 1.95
N VAL B 83 15.96 10.24 1.78
CA VAL B 83 15.51 9.07 2.54
C VAL B 83 16.63 8.33 3.26
N ASN B 84 16.24 8.06 4.78
CA ASN B 84 17.36 7.29 5.31
C ASN B 84 16.88 5.97 5.89
N HIS B 85 17.34 4.95 5.89
CA HIS B 85 16.78 3.70 6.36
C HIS B 85 17.98 2.86 6.84
N VAL B 86 17.72 1.92 7.72
CA VAL B 86 18.78 1.08 8.26
C VAL B 86 19.57 0.35 7.17
N THR B 87 18.93 0.11 6.02
CA THR B 87 19.58 -0.58 4.92
C THR B 87 20.58 0.33 4.19
N LEU B 88 20.50 1.63 4.45
CA LEU B 88 21.37 2.59 3.78
C LEU B 88 22.58 3.01 4.61
N SER B 89 23.77 2.92 4.00
CA SER B 89 25.00 3.30 4.68
C SER B 89 25.01 4.81 4.87
N GLN B 90 24.29 5.51 3.99
CA GLN B 90 24.18 6.96 4.04
C GLN B 90 22.84 7.35 3.42
N PRO B 91 22.29 8.51 3.81
CA PRO B 91 21.01 8.93 3.25
C PRO B 91 21.02 8.98 1.73
N LYS B 92 19.89 8.61 1.11
CA LYS B 92 19.77 8.60 -0.33
C LYS B 92 18.88 9.74 -0.82
N ILE B 93 19.31 10.41 -1.89
CA ILE B 93 18.54 11.51 -2.44
C ILE B 93 18.08 11.27 -3.88
N VAL B 94 16.80 11.49 -4.12
CA VAL B 94 16.22 11.32 -5.45
C VAL B 94 15.64 12.65 -5.87
N LYS B 95 16.12 13.17 -6.99
CA LYS B 95 15.64 14.46 -7.50
C LYS B 95 14.37 14.33 -8.30
N TRP B 96 13.52 15.35 -8.20
CA TRP B 96 12.26 15.37 -8.92
C TRP B 96 12.44 15.76 -10.38
N ASP B 97 12.09 14.83 -11.27
CA ASP B 97 12.19 15.05 -12.69
C ASP B 97 10.75 15.19 -13.18
N ARG B 98 10.36 16.42 -13.51
CA ARG B 98 8.99 16.65 -13.96
C ARG B 98 8.55 15.75 -15.10
N ASP B 99 9.49 15.02 -15.71
CA ASP B 99 9.16 14.12 -16.81
C ASP B 99 8.92 12.69 -16.32
N MET B 100 9.05 12.49 -15.01
CA MET B 100 8.86 11.15 -14.44
C MET B 100 7.98 11.13 -13.18
N ARG C 1 -15.93 -3.74 9.93
CA ARG C 1 -16.06 -4.48 11.22
C ARG C 1 -14.86 -5.38 11.43
N ILE C 2 -14.00 -5.07 12.39
CA ILE C 2 -12.84 -5.91 12.64
C ILE C 2 -13.27 -7.18 13.38
N ILE C 3 -12.56 -8.28 13.14
CA ILE C 3 -12.88 -9.52 13.84
C ILE C 3 -12.63 -9.17 15.31
N PRO C 4 -13.48 -9.67 16.24
CA PRO C 4 -13.37 -9.39 17.67
C PRO C 4 -12.03 -9.62 18.36
N ARG C 5 -11.41 -10.77 18.10
CA ARG C 5 -10.14 -11.09 18.73
C ARG C 5 -8.99 -11.35 17.77
N HIS C 6 -7.78 -11.15 18.29
CA HIS C 6 -6.56 -11.40 17.53
C HIS C 6 -6.19 -12.82 17.93
N LEU C 7 -5.41 -13.52 17.12
CA LEU C 7 -5.02 -14.88 17.49
C LEU C 7 -3.89 -14.86 18.50
N GLN C 8 -3.88 -15.87 19.35
CA GLN C 8 -2.83 -16.04 20.33
C GLN C 8 -1.87 -17.03 19.68
N LEU C 9 -0.66 -16.56 19.37
CA LEU C 9 0.34 -17.39 18.72
C LEU C 9 1.15 -18.20 19.74
CO CO D . 19.69 -10.47 7.35
CL CL E . 19.88 -8.50 8.43
CL CL F . 19.45 -12.52 6.58
#